data_6YTG
#
_entry.id   6YTG
#
_cell.length_a   92.928
_cell.length_b   64.170
_cell.length_c   80.809
_cell.angle_alpha   90.000
_cell.angle_beta   123.410
_cell.angle_gamma   90.000
#
_symmetry.space_group_name_H-M   'C 1 2 1'
#
loop_
_entity.id
_entity.type
_entity.pdbx_description
1 polymer 'Dual specificity protein kinase CLK1'
2 non-polymer "(4~{S})-7,8-bis(chloranyl)-9-methyl-1-oxidanylidene-spiro[2,4-dihydropyrido[3,4-b]indole-3,4'-piperidine]-4-carbonitrile"
3 water water
#
_entity_poly.entity_id   1
_entity_poly.type   'polypeptide(L)'
_entity_poly.pdbx_seq_one_letter_code
;SMHLICQSGDVLSARYEIVDTLGEGAFGKVVECIDHKAGGRHVAVKIVKNVDRYCEAARSEIQVLEHLNTTDPNSTFRCV
QMLEWFEHHGHICIVFELLGLSTYDFIKENGFLPFRLDHIRKMAYQICKSVNFLHSNKLTHTDLKPENILFVQSDYTEAY
NPKIKRDERTLINPDIKVVDFGSATYDDEHHSTLVSTRHYRAPEVILALGWSQPCDVWSIGCILIEYYLGFTVFPTHDSK
EHLAMMERILGPLPKHMIQKTRKRKYFHHDRLDWDEHSSAGRYVSRACKPLKEFMLSQDVEHERLFDLIQKMLEYDPAKR
ITLREALKHPFFDLLKKSI
;
_entity_poly.pdbx_strand_id   A
#
# COMPACT_ATOMS: atom_id res chain seq x y z
N SER A 1 25.05 -10.12 8.25
CA SER A 1 26.28 -9.76 7.44
C SER A 1 26.17 -8.30 6.99
N MET A 2 25.03 -7.94 6.41
CA MET A 2 24.62 -6.53 6.23
C MET A 2 24.61 -5.79 7.59
N HIS A 3 24.26 -6.45 8.69
CA HIS A 3 24.19 -5.82 10.04
C HIS A 3 25.60 -5.35 10.48
N LEU A 4 26.67 -5.89 9.90
CA LEU A 4 28.08 -5.48 10.16
C LEU A 4 28.32 -3.99 9.84
N ILE A 5 27.44 -3.36 9.06
CA ILE A 5 27.69 -2.02 8.45
C ILE A 5 26.52 -1.07 8.78
N CYS A 6 25.64 -1.42 9.71
CA CYS A 6 24.50 -0.58 10.11
C CYS A 6 24.11 -0.79 11.59
N GLN A 7 25.12 -0.90 12.46
CA GLN A 7 25.00 -0.85 13.94
C GLN A 7 24.81 0.59 14.45
N SER A 8 24.15 0.75 15.57
CA SER A 8 23.97 2.11 16.08
C SER A 8 25.32 2.65 16.60
N GLY A 9 25.58 3.92 16.32
CA GLY A 9 26.88 4.60 16.49
C GLY A 9 27.72 4.55 15.22
N ASP A 10 27.41 3.70 14.25
CA ASP A 10 28.09 3.70 12.95
C ASP A 10 27.81 5.02 12.22
N VAL A 11 28.80 5.53 11.50
CA VAL A 11 28.62 6.78 10.72
C VAL A 11 28.75 6.47 9.24
N LEU A 12 27.71 6.82 8.49
CA LEU A 12 27.57 6.64 7.03
C LEU A 12 27.87 7.96 6.33
N SER A 13 28.69 7.91 5.28
CA SER A 13 28.95 9.06 4.36
C SER A 13 29.54 10.23 5.16
N ALA A 14 30.27 9.88 6.20
CA ALA A 14 30.94 10.75 7.21
C ALA A 14 29.99 11.80 7.78
N ARG A 15 28.69 11.50 7.99
CA ARG A 15 27.76 12.48 8.55
C ARG A 15 26.56 11.80 9.25
N TYR A 16 26.14 10.63 8.83
CA TYR A 16 24.85 10.09 9.32
C TYR A 16 25.11 9.04 10.40
N GLU A 17 24.82 9.38 11.65
CA GLU A 17 25.06 8.51 12.80
C GLU A 17 23.83 7.66 13.12
N ILE A 18 23.96 6.34 13.00
CA ILE A 18 22.83 5.42 13.27
C ILE A 18 22.47 5.54 14.75
N VAL A 19 21.18 5.82 15.02
CA VAL A 19 20.66 5.83 16.41
C VAL A 19 19.58 4.81 16.64
N ASP A 20 18.97 4.26 15.60
CA ASP A 20 17.90 3.27 15.82
C ASP A 20 17.55 2.59 14.51
N THR A 21 16.87 1.43 14.59
CA THR A 21 16.34 0.67 13.44
C THR A 21 14.83 0.92 13.38
N LEU A 22 14.36 1.41 12.24
CA LEU A 22 12.97 1.73 11.96
C LEU A 22 12.25 0.59 11.25
N GLY A 23 12.96 -0.20 10.46
CA GLY A 23 12.37 -1.31 9.68
C GLY A 23 13.47 -2.23 9.16
N GLU A 24 13.17 -3.52 8.99
CA GLU A 24 14.10 -4.49 8.38
C GLU A 24 13.33 -5.65 7.75
N GLY A 25 13.94 -6.25 6.75
CA GLY A 25 13.32 -7.28 5.90
C GLY A 25 14.27 -7.75 4.81
N ALA A 26 13.71 -8.56 3.92
CA ALA A 26 14.45 -9.04 2.73
C ALA A 26 15.04 -7.83 2.00
N PHE A 27 14.36 -6.69 1.98
CA PHE A 27 14.79 -5.51 1.23
C PHE A 27 16.12 -4.92 1.77
N GLY A 28 16.37 -5.14 3.05
CA GLY A 28 17.46 -4.48 3.77
C GLY A 28 16.94 -3.89 5.07
N LYS A 29 17.36 -2.68 5.41
CA LYS A 29 17.15 -2.10 6.73
C LYS A 29 16.89 -0.63 6.55
N VAL A 30 15.94 -0.06 7.29
CA VAL A 30 15.88 1.41 7.41
C VAL A 30 16.33 1.77 8.83
N VAL A 31 17.21 2.77 8.94
CA VAL A 31 17.78 3.20 10.23
C VAL A 31 17.51 4.69 10.39
N GLU A 32 17.26 5.12 11.61
CA GLU A 32 17.19 6.54 12.00
C GLU A 32 18.63 6.98 12.26
N CYS A 33 19.02 8.09 11.64
CA CYS A 33 20.37 8.69 11.80
C CYS A 33 20.29 10.14 12.24
N ILE A 34 21.24 10.57 13.04
CA ILE A 34 21.51 12.00 13.26
C ILE A 34 22.36 12.46 12.06
N ASP A 35 21.96 13.55 11.43
CA ASP A 35 22.75 14.12 10.30
C ASP A 35 23.62 15.28 10.85
N HIS A 36 24.87 14.97 11.13
CA HIS A 36 25.88 15.88 11.75
C HIS A 36 26.23 17.03 10.78
N LYS A 37 25.83 16.97 9.51
CA LYS A 37 26.09 18.08 8.56
C LYS A 37 24.78 18.78 8.25
N ALA A 38 23.70 18.58 9.03
CA ALA A 38 22.45 19.33 8.86
C ALA A 38 21.88 19.67 10.24
N GLY A 39 22.76 20.07 11.14
CA GLY A 39 22.42 20.65 12.44
C GLY A 39 21.94 19.60 13.42
N GLY A 40 22.30 18.34 13.17
CA GLY A 40 21.81 17.18 13.94
C GLY A 40 20.36 16.80 13.62
N ARG A 41 19.82 17.19 12.47
CA ARG A 41 18.46 16.76 12.03
C ARG A 41 18.44 15.23 12.04
N HIS A 42 17.34 14.62 12.51
CA HIS A 42 17.13 13.15 12.33
C HIS A 42 16.54 12.87 10.95
N VAL A 43 17.06 11.83 10.32
CA VAL A 43 16.66 11.39 8.98
C VAL A 43 16.49 9.87 9.01
N ALA A 44 15.90 9.33 7.96
CA ALA A 44 15.81 7.90 7.72
C ALA A 44 16.79 7.52 6.62
N VAL A 45 17.45 6.39 6.76
CA VAL A 45 18.33 5.89 5.68
C VAL A 45 17.98 4.44 5.37
N LYS A 46 17.59 4.19 4.14
CA LYS A 46 17.30 2.82 3.69
C LYS A 46 18.61 2.25 3.17
N ILE A 47 19.08 1.18 3.80
CA ILE A 47 20.35 0.49 3.46
C ILE A 47 19.91 -0.76 2.68
N VAL A 48 20.19 -0.79 1.38
CA VAL A 48 19.54 -1.75 0.47
C VAL A 48 20.31 -3.06 0.49
N LYS A 49 19.58 -4.16 0.59
CA LYS A 49 20.18 -5.51 0.56
C LYS A 49 20.97 -5.68 -0.75
N ASN A 50 22.17 -6.27 -0.66
CA ASN A 50 23.06 -6.49 -1.81
C ASN A 50 22.62 -7.69 -2.64
N VAL A 51 21.42 -7.63 -3.19
CA VAL A 51 20.88 -8.68 -4.10
C VAL A 51 20.13 -8.02 -5.25
N ASP A 52 20.10 -8.72 -6.38
CA ASP A 52 19.63 -8.21 -7.68
C ASP A 52 18.35 -7.42 -7.51
N ARG A 53 17.33 -8.14 -7.09
CA ARG A 53 15.96 -7.63 -6.96
C ARG A 53 15.98 -6.25 -6.27
N TYR A 54 16.72 -6.11 -5.17
CA TYR A 54 16.61 -4.92 -4.31
C TYR A 54 17.50 -3.82 -4.86
N CYS A 55 18.69 -4.15 -5.34
CA CYS A 55 19.62 -3.21 -6.00
C CYS A 55 18.88 -2.56 -7.18
N GLU A 56 18.30 -3.34 -8.06
CA GLU A 56 17.58 -2.80 -9.24
C GLU A 56 16.35 -1.94 -8.81
N ALA A 57 15.59 -2.37 -7.80
CA ALA A 57 14.41 -1.68 -7.27
C ALA A 57 14.89 -0.33 -6.71
N ALA A 58 16.04 -0.34 -6.03
CA ALA A 58 16.58 0.89 -5.38
C ALA A 58 16.99 1.90 -6.47
N ARG A 59 17.63 1.43 -7.51
CA ARG A 59 18.11 2.31 -8.63
C ARG A 59 16.90 2.97 -9.29
N SER A 60 15.85 2.19 -9.50
CA SER A 60 14.56 2.68 -10.05
C SER A 60 13.87 3.63 -9.07
N GLU A 61 13.86 3.33 -7.78
CA GLU A 61 13.20 4.14 -6.75
C GLU A 61 13.84 5.54 -6.77
N ILE A 62 15.15 5.57 -6.81
CA ILE A 62 15.94 6.83 -6.81
C ILE A 62 15.50 7.67 -8.00
N GLN A 63 15.43 7.09 -9.21
CA GLN A 63 14.98 7.78 -10.44
C GLN A 63 13.54 8.29 -10.26
N VAL A 64 12.66 7.50 -9.66
CA VAL A 64 11.23 7.90 -9.55
C VAL A 64 11.11 9.03 -8.53
N LEU A 65 11.87 8.99 -7.45
CA LEU A 65 11.71 10.03 -6.42
C LEU A 65 12.33 11.34 -6.92
N GLU A 66 13.40 11.31 -7.68
CA GLU A 66 13.98 12.53 -8.27
C GLU A 66 12.87 13.23 -9.05
N HIS A 67 12.20 12.48 -9.90
CA HIS A 67 11.16 13.02 -10.75
C HIS A 67 9.98 13.49 -9.88
N LEU A 68 9.44 12.67 -8.98
CA LEU A 68 8.28 13.11 -8.17
C LEU A 68 8.67 14.28 -7.29
N ASN A 69 9.85 14.24 -6.65
CA ASN A 69 10.27 15.33 -5.72
C ASN A 69 10.49 16.63 -6.48
N THR A 70 11.09 16.57 -7.68
CA THR A 70 11.27 17.74 -8.56
C THR A 70 9.91 18.32 -8.94
N THR A 71 8.99 17.46 -9.32
CA THR A 71 7.67 17.81 -9.84
C THR A 71 6.85 18.49 -8.73
N ASP A 72 6.93 17.96 -7.51
CA ASP A 72 6.14 18.42 -6.33
C ASP A 72 7.12 18.77 -5.22
N PRO A 73 7.87 19.88 -5.29
CA PRO A 73 8.90 20.20 -4.32
C PRO A 73 8.38 20.51 -2.91
N ASN A 74 7.10 20.89 -2.78
CA ASN A 74 6.47 21.21 -1.46
C ASN A 74 5.94 19.89 -0.83
N SER A 75 5.90 18.81 -1.59
CA SER A 75 5.31 17.52 -1.14
C SER A 75 3.82 17.76 -0.82
N THR A 76 3.15 18.58 -1.64
CA THR A 76 1.69 18.83 -1.57
C THR A 76 1.04 17.48 -1.68
N PHE A 77 1.56 16.56 -2.49
CA PHE A 77 0.90 15.27 -2.73
C PHE A 77 1.50 14.15 -1.89
N ARG A 78 2.32 14.48 -0.93
CA ARG A 78 2.67 13.54 0.18
C ARG A 78 3.41 12.29 -0.29
N CYS A 79 4.23 12.34 -1.33
CA CYS A 79 5.26 11.31 -1.61
C CYS A 79 6.46 11.62 -0.70
N VAL A 80 7.10 10.61 -0.11
CA VAL A 80 8.26 10.89 0.79
C VAL A 80 9.33 11.68 0.03
N GLN A 81 10.04 12.56 0.74
CA GLN A 81 11.13 13.32 0.15
C GLN A 81 12.42 12.53 0.33
N MET A 82 13.12 12.33 -0.78
CA MET A 82 14.47 11.74 -0.79
C MET A 82 15.43 12.92 -0.73
N LEU A 83 16.36 12.92 0.21
CA LEU A 83 17.31 14.02 0.48
C LEU A 83 18.55 13.78 -0.37
N GLU A 84 19.05 12.55 -0.40
CA GLU A 84 20.18 12.18 -1.28
C GLU A 84 20.30 10.64 -1.28
N TRP A 85 21.26 10.14 -2.01
CA TRP A 85 21.69 8.74 -1.95
C TRP A 85 23.21 8.69 -2.07
N PHE A 86 23.78 7.60 -1.59
CA PHE A 86 25.23 7.38 -1.62
C PHE A 86 25.47 5.89 -1.47
N GLU A 87 26.73 5.45 -1.57
CA GLU A 87 27.05 4.01 -1.46
C GLU A 87 27.95 3.87 -0.26
N HIS A 88 27.69 2.85 0.57
CA HIS A 88 28.41 2.60 1.84
C HIS A 88 28.82 1.12 1.89
N HIS A 89 30.12 0.82 1.81
CA HIS A 89 30.63 -0.57 1.86
C HIS A 89 29.88 -1.40 0.82
N GLY A 90 29.68 -0.86 -0.38
CA GLY A 90 29.03 -1.59 -1.47
C GLY A 90 27.50 -1.55 -1.40
N HIS A 91 26.86 -1.04 -0.33
CA HIS A 91 25.37 -0.95 -0.24
C HIS A 91 24.88 0.44 -0.73
N ILE A 92 23.85 0.43 -1.54
CA ILE A 92 23.09 1.65 -1.90
C ILE A 92 22.36 2.12 -0.64
N CYS A 93 22.42 3.42 -0.36
CA CYS A 93 21.82 4.07 0.80
C CYS A 93 21.00 5.24 0.30
N ILE A 94 19.72 5.24 0.62
CA ILE A 94 18.79 6.33 0.27
C ILE A 94 18.42 7.05 1.55
N VAL A 95 18.62 8.38 1.53
CA VAL A 95 18.34 9.25 2.70
C VAL A 95 16.96 9.85 2.47
N PHE A 96 16.09 9.73 3.45
CA PHE A 96 14.75 10.33 3.42
C PHE A 96 14.54 11.29 4.57
N GLU A 97 13.58 12.20 4.40
CA GLU A 97 12.98 12.89 5.56
C GLU A 97 12.52 11.79 6.51
N LEU A 98 12.62 11.99 7.83
CA LEU A 98 12.16 10.99 8.84
C LEU A 98 10.63 10.92 8.85
N LEU A 99 10.06 9.73 8.80
CA LEU A 99 8.63 9.51 8.93
C LEU A 99 8.46 8.59 10.13
N GLY A 100 7.24 8.43 10.59
CA GLY A 100 6.94 7.62 11.78
C GLY A 100 6.59 6.20 11.35
N LEU A 101 5.81 5.51 12.20
CA LEU A 101 5.40 4.11 12.00
C LEU A 101 4.55 4.00 10.72
N SER A 102 4.55 2.85 10.10
CA SER A 102 3.60 2.51 9.02
C SER A 102 2.23 2.26 9.65
N THR A 103 1.19 2.36 8.83
CA THR A 103 -0.19 2.09 9.22
C THR A 103 -0.27 0.63 9.67
N TYR A 104 0.47 -0.26 9.03
CA TYR A 104 0.53 -1.69 9.43
C TYR A 104 1.06 -1.77 10.86
N ASP A 105 2.24 -1.21 11.08
CA ASP A 105 2.97 -1.33 12.38
C ASP A 105 2.07 -0.74 13.47
N PHE A 106 1.40 0.36 13.16
CA PHE A 106 0.47 1.02 14.10
C PHE A 106 -0.67 0.09 14.52
N ILE A 107 -1.33 -0.48 13.53
CA ILE A 107 -2.41 -1.47 13.73
C ILE A 107 -1.87 -2.62 14.60
N LYS A 108 -0.73 -3.20 14.23
CA LYS A 108 -0.16 -4.38 14.90
C LYS A 108 0.14 -4.01 16.38
N GLU A 109 0.92 -2.94 16.63
CA GLU A 109 1.35 -2.50 17.99
C GLU A 109 0.11 -1.98 18.77
N ASN A 110 -1.07 -1.90 18.12
CA ASN A 110 -2.40 -1.64 18.75
C ASN A 110 -3.18 -2.95 18.90
N GLY A 111 -2.50 -4.10 18.86
CA GLY A 111 -3.15 -5.43 18.90
C GLY A 111 -4.24 -5.59 17.83
N PHE A 112 -3.96 -5.20 16.59
CA PHE A 112 -4.81 -5.46 15.39
C PHE A 112 -6.21 -4.86 15.60
N LEU A 113 -6.33 -3.83 16.41
CA LEU A 113 -7.59 -3.05 16.49
C LEU A 113 -7.67 -2.23 15.20
N PRO A 114 -8.88 -1.97 14.66
CA PRO A 114 -8.99 -1.10 13.50
C PRO A 114 -8.83 0.38 13.89
N PHE A 115 -8.64 1.22 12.88
CA PHE A 115 -8.71 2.70 12.95
C PHE A 115 -10.14 3.22 13.09
N ARG A 116 -10.30 4.30 13.86
CA ARG A 116 -11.60 5.05 14.00
C ARG A 116 -12.00 5.57 12.63
N LEU A 117 -13.31 5.69 12.36
CA LEU A 117 -13.78 6.08 11.00
C LEU A 117 -13.23 7.46 10.59
N ASP A 118 -13.19 8.41 11.52
N ASP A 118 -13.19 8.41 11.52
CA ASP A 118 -12.78 9.82 11.22
CA ASP A 118 -12.74 9.81 11.22
C ASP A 118 -11.31 9.82 10.75
C ASP A 118 -11.30 9.77 10.70
N HIS A 119 -10.44 8.95 11.30
CA HIS A 119 -9.03 8.83 10.82
C HIS A 119 -8.97 8.13 9.46
N ILE A 120 -9.76 7.08 9.30
CA ILE A 120 -9.83 6.35 8.01
C ILE A 120 -10.20 7.38 6.93
N ARG A 121 -11.18 8.24 7.18
CA ARG A 121 -11.58 9.23 6.14
C ARG A 121 -10.37 10.07 5.73
N LYS A 122 -9.67 10.60 6.73
CA LYS A 122 -8.55 11.57 6.54
C LYS A 122 -7.39 10.83 5.90
N MET A 123 -7.17 9.59 6.31
CA MET A 123 -6.08 8.80 5.65
C MET A 123 -6.43 8.42 4.23
N ALA A 124 -7.67 8.01 3.97
CA ALA A 124 -8.09 7.54 2.64
C ALA A 124 -8.00 8.73 1.67
N TYR A 125 -8.38 9.93 2.08
CA TYR A 125 -8.29 11.10 1.21
C TYR A 125 -6.83 11.36 0.83
N GLN A 126 -5.92 11.37 1.81
CA GLN A 126 -4.47 11.66 1.57
C GLN A 126 -3.85 10.56 0.71
N ILE A 127 -4.22 9.29 0.91
CA ILE A 127 -3.70 8.18 0.07
C ILE A 127 -4.20 8.36 -1.38
N CYS A 128 -5.49 8.69 -1.58
CA CYS A 128 -6.06 8.86 -2.94
C CYS A 128 -5.40 10.08 -3.58
N LYS A 129 -5.15 11.13 -2.81
CA LYS A 129 -4.58 12.37 -3.41
C LYS A 129 -3.13 12.07 -3.85
N SER A 130 -2.38 11.37 -3.00
CA SER A 130 -0.94 11.03 -3.22
C SER A 130 -0.78 10.13 -4.44
N VAL A 131 -1.53 9.04 -4.50
CA VAL A 131 -1.37 8.05 -5.59
C VAL A 131 -2.02 8.64 -6.85
N ASN A 132 -3.06 9.47 -6.74
CA ASN A 132 -3.60 10.21 -7.92
C ASN A 132 -2.50 11.06 -8.59
N PHE A 133 -1.64 11.68 -7.80
CA PHE A 133 -0.49 12.46 -8.32
C PHE A 133 0.43 11.55 -9.15
N LEU A 134 0.70 10.35 -8.67
CA LEU A 134 1.44 9.35 -9.47
C LEU A 134 0.71 9.13 -10.78
N HIS A 135 -0.59 8.87 -10.67
CA HIS A 135 -1.45 8.58 -11.85
C HIS A 135 -1.48 9.75 -12.83
N SER A 136 -1.31 11.00 -12.39
CA SER A 136 -1.28 12.18 -13.28
C SER A 136 0.10 12.28 -13.94
N ASN A 137 1.06 11.50 -13.45
CA ASN A 137 2.47 11.60 -13.90
C ASN A 137 2.84 10.29 -14.61
N LYS A 138 1.86 9.58 -15.15
CA LYS A 138 2.01 8.39 -16.05
C LYS A 138 2.69 7.25 -15.29
N LEU A 139 2.47 7.21 -13.98
CA LEU A 139 2.99 6.19 -13.03
C LEU A 139 1.86 5.36 -12.41
N THR A 140 2.24 4.14 -12.06
CA THR A 140 1.48 3.17 -11.25
C THR A 140 2.44 2.66 -10.17
N HIS A 141 2.05 2.72 -8.89
CA HIS A 141 2.89 2.29 -7.76
C HIS A 141 3.16 0.77 -7.81
N THR A 142 2.04 0.02 -7.90
CA THR A 142 1.92 -1.46 -8.10
C THR A 142 2.02 -2.23 -6.78
N ASP A 143 2.40 -1.58 -5.68
CA ASP A 143 2.71 -2.28 -4.42
C ASP A 143 2.16 -1.50 -3.21
N LEU A 144 0.96 -0.94 -3.35
CA LEU A 144 0.34 -0.21 -2.23
C LEU A 144 -0.12 -1.23 -1.22
N LYS A 145 0.12 -0.95 0.04
CA LYS A 145 -0.24 -1.81 1.17
C LYS A 145 0.02 -1.01 2.44
N PRO A 146 -0.52 -1.43 3.59
CA PRO A 146 -0.44 -0.61 4.81
C PRO A 146 1.03 -0.35 5.21
N GLU A 147 1.93 -1.27 4.86
CA GLU A 147 3.36 -1.17 5.24
C GLU A 147 4.01 -0.03 4.47
N ASN A 148 3.43 0.38 3.35
CA ASN A 148 3.98 1.41 2.44
C ASN A 148 3.25 2.73 2.65
N ILE A 149 2.33 2.83 3.60
CA ILE A 149 1.70 4.09 4.01
C ILE A 149 2.25 4.42 5.40
N LEU A 150 3.01 5.51 5.54
CA LEU A 150 3.63 5.86 6.85
C LEU A 150 3.00 7.13 7.41
N PHE A 151 2.82 7.16 8.73
CA PHE A 151 2.50 8.41 9.47
C PHE A 151 3.72 9.34 9.52
N VAL A 152 3.44 10.62 9.36
CA VAL A 152 4.44 11.70 9.44
C VAL A 152 4.99 11.76 10.87
N GLN A 153 4.11 11.62 11.86
CA GLN A 153 4.43 11.59 13.30
C GLN A 153 3.46 10.64 13.97
N SER A 154 3.94 9.54 14.56
CA SER A 154 3.05 8.45 15.06
C SER A 154 2.85 8.51 16.59
N ASP A 155 3.00 9.69 17.24
CA ASP A 155 2.66 9.85 18.68
C ASP A 155 1.15 9.74 18.84
N TYR A 156 0.68 9.10 19.92
CA TYR A 156 -0.73 8.69 20.14
C TYR A 156 -1.19 9.08 21.57
N THR A 157 -2.50 9.05 21.82
CA THR A 157 -3.16 9.02 23.15
C THR A 157 -3.51 7.56 23.48
N GLU A 158 -3.52 7.14 24.76
CA GLU A 158 -3.87 5.75 25.15
C GLU A 158 -4.93 5.78 26.26
N ALA A 159 -6.09 5.16 26.03
CA ALA A 159 -7.24 5.10 26.96
C ALA A 159 -7.86 3.69 26.98
N TYR A 160 -8.81 3.42 27.90
CA TYR A 160 -9.57 2.13 28.00
C TYR A 160 -10.52 2.03 26.81
N GLU A 168 -6.94 1.18 23.64
CA GLU A 168 -6.81 1.84 22.32
C GLU A 168 -5.78 2.97 22.33
N ARG A 169 -4.86 2.93 21.37
CA ARG A 169 -4.01 4.09 21.01
C ARG A 169 -4.75 4.91 19.94
N THR A 170 -4.69 6.23 20.05
CA THR A 170 -5.23 7.19 19.04
C THR A 170 -4.09 8.12 18.61
N LEU A 171 -3.81 8.13 17.32
CA LEU A 171 -2.93 9.15 16.72
C LEU A 171 -3.38 10.53 17.16
N ILE A 172 -2.44 11.40 17.48
CA ILE A 172 -2.69 12.87 17.55
C ILE A 172 -2.93 13.41 16.12
N ASN A 173 -2.00 13.15 15.19
CA ASN A 173 -2.11 13.58 13.77
C ASN A 173 -2.05 12.35 12.87
N PRO A 174 -3.13 12.04 12.10
CA PRO A 174 -3.15 10.89 11.18
C PRO A 174 -2.59 11.17 9.78
N ASP A 175 -1.88 12.28 9.59
CA ASP A 175 -1.29 12.63 8.28
C ASP A 175 -0.32 11.49 7.87
N ILE A 176 -0.37 11.10 6.59
CA ILE A 176 0.46 10.03 5.99
C ILE A 176 1.29 10.55 4.81
N LYS A 177 2.32 9.79 4.47
CA LYS A 177 2.97 9.84 3.18
C LYS A 177 3.11 8.42 2.66
N VAL A 178 3.37 8.34 1.38
CA VAL A 178 3.50 7.09 0.59
C VAL A 178 5.00 6.89 0.35
N VAL A 179 5.47 5.69 0.60
CA VAL A 179 6.86 5.28 0.36
C VAL A 179 6.92 4.06 -0.56
N ASP A 180 8.15 3.61 -0.81
CA ASP A 180 8.51 2.38 -1.55
C ASP A 180 8.11 2.46 -3.03
N PHE A 181 8.90 3.20 -3.81
CA PHE A 181 8.66 3.50 -5.22
C PHE A 181 9.51 2.67 -6.14
N GLY A 182 10.12 1.60 -5.65
CA GLY A 182 11.05 0.79 -6.44
C GLY A 182 10.36 -0.08 -7.44
N SER A 183 9.03 -0.24 -7.34
CA SER A 183 8.25 -1.08 -8.26
C SER A 183 7.42 -0.23 -9.24
N ALA A 184 7.31 1.06 -8.95
CA ALA A 184 6.46 1.99 -9.71
C ALA A 184 6.91 1.96 -11.17
N THR A 185 5.93 1.93 -12.07
CA THR A 185 6.06 1.65 -13.50
C THR A 185 5.43 2.78 -14.30
N TYR A 186 6.16 3.31 -15.28
CA TYR A 186 5.70 4.39 -16.20
C TYR A 186 4.78 3.77 -17.27
N ASP A 187 3.84 4.53 -17.82
CA ASP A 187 2.89 3.95 -18.80
C ASP A 187 3.66 3.36 -19.98
N ASP A 188 4.78 3.96 -20.35
CA ASP A 188 5.49 3.71 -21.63
C ASP A 188 6.35 2.45 -21.45
N GLU A 189 6.53 1.98 -20.22
CA GLU A 189 7.42 0.82 -19.94
C GLU A 189 6.72 -0.49 -20.26
N HIS A 190 7.48 -1.53 -20.61
CA HIS A 190 6.99 -2.94 -20.57
C HIS A 190 6.67 -3.33 -19.10
N HIS A 191 5.49 -3.89 -18.89
CA HIS A 191 4.91 -4.17 -17.53
C HIS A 191 5.30 -5.61 -17.09
N SER A 192 5.79 -5.79 -15.87
CA SER A 192 6.02 -7.13 -15.27
C SER A 192 4.68 -7.85 -15.06
N THR A 193 4.73 -9.17 -15.06
CA THR A 193 3.53 -10.06 -14.88
C THR A 193 3.06 -10.00 -13.42
N LEU A 194 3.91 -10.39 -12.48
CA LEU A 194 3.58 -10.49 -11.01
C LEU A 194 3.86 -9.14 -10.35
N VAL A 195 2.81 -8.29 -10.23
CA VAL A 195 2.84 -7.05 -9.40
C VAL A 195 2.02 -7.19 -8.08
N SER A 196 2.36 -6.38 -7.06
CA SER A 196 1.55 -6.23 -5.83
C SER A 196 1.85 -7.39 -4.87
N THR A 197 1.66 -7.15 -3.57
CA THR A 197 1.72 -8.19 -2.49
C THR A 197 0.39 -8.95 -2.57
N ARG A 198 0.43 -10.28 -2.64
CA ARG A 198 -0.72 -11.23 -2.73
C ARG A 198 -2.04 -10.53 -2.39
N HIS A 199 -2.17 -10.06 -1.16
CA HIS A 199 -3.45 -9.67 -0.51
C HIS A 199 -4.03 -8.39 -1.14
N TYR A 200 -3.23 -7.58 -1.89
CA TYR A 200 -3.70 -6.29 -2.45
C TYR A 200 -3.64 -6.35 -3.97
N ARG A 201 -3.46 -7.55 -4.55
CA ARG A 201 -3.38 -7.76 -6.02
C ARG A 201 -4.76 -7.74 -6.72
N ALA A 202 -4.89 -6.95 -7.80
CA ALA A 202 -6.11 -6.74 -8.60
C ALA A 202 -6.44 -7.99 -9.42
N PRO A 203 -7.72 -8.21 -9.76
CA PRO A 203 -8.09 -9.39 -10.55
C PRO A 203 -7.43 -9.41 -11.92
N GLU A 204 -7.31 -8.28 -12.61
CA GLU A 204 -6.61 -8.20 -13.93
C GLU A 204 -5.13 -8.63 -13.79
N VAL A 205 -4.50 -8.46 -12.64
CA VAL A 205 -3.11 -8.96 -12.41
C VAL A 205 -3.14 -10.48 -12.27
N ILE A 206 -3.93 -11.01 -11.35
CA ILE A 206 -4.00 -12.49 -11.15
C ILE A 206 -4.32 -13.17 -12.49
N LEU A 207 -5.24 -12.60 -13.30
CA LEU A 207 -5.71 -13.24 -14.56
C LEU A 207 -4.74 -12.92 -15.72
N ALA A 208 -3.70 -12.13 -15.44
CA ALA A 208 -2.61 -11.74 -16.38
C ALA A 208 -3.23 -11.06 -17.62
N LEU A 209 -4.13 -10.10 -17.41
CA LEU A 209 -4.90 -9.42 -18.51
C LEU A 209 -4.23 -8.11 -18.92
N GLY A 210 -3.12 -7.77 -18.26
CA GLY A 210 -2.49 -6.45 -18.37
C GLY A 210 -3.07 -5.54 -17.30
N TRP A 211 -2.27 -4.61 -16.81
CA TRP A 211 -2.68 -3.72 -15.74
C TRP A 211 -2.14 -2.30 -15.99
N SER A 212 -2.71 -1.33 -15.30
CA SER A 212 -2.20 0.05 -15.28
C SER A 212 -2.74 0.71 -14.03
N GLN A 213 -2.96 2.02 -14.07
CA GLN A 213 -3.29 2.77 -12.84
C GLN A 213 -4.39 2.10 -12.03
N PRO A 214 -5.48 1.55 -12.63
CA PRO A 214 -6.53 0.93 -11.85
C PRO A 214 -6.11 -0.19 -10.90
N CYS A 215 -4.99 -0.87 -11.12
CA CYS A 215 -4.58 -1.94 -10.15
C CYS A 215 -4.23 -1.27 -8.82
N ASP A 216 -3.74 -0.04 -8.84
CA ASP A 216 -3.49 0.70 -7.57
C ASP A 216 -4.80 1.01 -6.88
N VAL A 217 -5.91 1.24 -7.65
CA VAL A 217 -7.19 1.61 -7.02
C VAL A 217 -7.69 0.38 -6.26
N TRP A 218 -7.56 -0.76 -6.89
CA TRP A 218 -7.92 -2.03 -6.22
C TRP A 218 -7.18 -2.17 -4.90
N SER A 219 -5.85 -1.96 -4.93
CA SER A 219 -4.99 -2.14 -3.75
C SER A 219 -5.48 -1.19 -2.66
N ILE A 220 -5.89 0.02 -3.00
CA ILE A 220 -6.32 1.00 -1.99
C ILE A 220 -7.65 0.55 -1.40
N GLY A 221 -8.54 0.03 -2.19
CA GLY A 221 -9.78 -0.56 -1.69
C GLY A 221 -9.49 -1.62 -0.64
N CYS A 222 -8.49 -2.48 -0.90
CA CYS A 222 -8.13 -3.55 0.05
C CYS A 222 -7.55 -2.93 1.31
N ILE A 223 -6.80 -1.83 1.15
CA ILE A 223 -6.22 -1.12 2.29
C ILE A 223 -7.33 -0.56 3.20
N LEU A 224 -8.34 0.09 2.63
CA LEU A 224 -9.37 0.79 3.46
C LEU A 224 -10.15 -0.24 4.27
N ILE A 225 -10.48 -1.38 3.68
CA ILE A 225 -11.23 -2.45 4.38
C ILE A 225 -10.35 -3.00 5.53
N GLU A 226 -9.04 -3.12 5.28
CA GLU A 226 -8.10 -3.56 6.34
C GLU A 226 -8.03 -2.52 7.47
N TYR A 227 -8.01 -1.24 7.15
CA TYR A 227 -8.03 -0.19 8.19
C TYR A 227 -9.32 -0.26 9.01
N TYR A 228 -10.43 -0.58 8.36
CA TYR A 228 -11.80 -0.64 8.94
C TYR A 228 -11.95 -1.88 9.82
N LEU A 229 -11.38 -3.02 9.40
CA LEU A 229 -11.58 -4.32 10.10
C LEU A 229 -10.40 -4.64 11.03
N GLY A 230 -9.20 -4.13 10.71
CA GLY A 230 -7.95 -4.52 11.40
C GLY A 230 -7.39 -5.85 10.87
N PHE A 231 -7.93 -6.38 9.78
CA PHE A 231 -7.43 -7.66 9.19
C PHE A 231 -7.73 -7.62 7.72
N THR A 232 -6.90 -8.27 6.92
CA THR A 232 -7.13 -8.32 5.47
C THR A 232 -8.36 -9.18 5.20
N VAL A 233 -9.05 -8.83 4.12
CA VAL A 233 -10.27 -9.58 3.74
C VAL A 233 -9.87 -10.68 2.73
N PHE A 234 -8.63 -10.65 2.20
CA PHE A 234 -8.11 -11.75 1.31
C PHE A 234 -6.93 -12.47 1.97
N PRO A 235 -7.17 -13.26 3.05
CA PRO A 235 -6.09 -13.95 3.79
C PRO A 235 -5.68 -15.28 3.12
N THR A 236 -4.91 -15.23 2.03
CA THR A 236 -4.53 -16.44 1.24
C THR A 236 -3.21 -16.23 0.47
N HIS A 237 -2.58 -17.34 0.08
CA HIS A 237 -1.30 -17.39 -0.66
C HIS A 237 -1.47 -18.15 -1.98
N ASP A 238 -2.72 -18.28 -2.43
CA ASP A 238 -3.06 -19.10 -3.60
C ASP A 238 -3.99 -18.27 -4.49
N SER A 239 -3.64 -18.16 -5.76
CA SER A 239 -4.38 -17.47 -6.85
C SER A 239 -5.82 -17.98 -6.95
N LYS A 240 -6.01 -19.30 -6.93
CA LYS A 240 -7.37 -19.87 -7.13
C LYS A 240 -8.21 -19.46 -5.93
N GLU A 241 -7.72 -19.76 -4.74
CA GLU A 241 -8.40 -19.41 -3.49
C GLU A 241 -8.72 -17.91 -3.48
N HIS A 242 -7.78 -17.08 -3.91
CA HIS A 242 -7.94 -15.62 -3.93
C HIS A 242 -9.13 -15.27 -4.83
N LEU A 243 -9.21 -15.86 -6.01
CA LEU A 243 -10.36 -15.62 -6.93
C LEU A 243 -11.64 -16.14 -6.25
N ALA A 244 -11.57 -17.28 -5.58
CA ALA A 244 -12.73 -17.84 -4.82
C ALA A 244 -13.19 -16.83 -3.77
N MET A 245 -12.24 -16.17 -3.10
CA MET A 245 -12.58 -15.19 -2.04
C MET A 245 -13.23 -13.97 -2.70
N MET A 246 -12.70 -13.50 -3.80
CA MET A 246 -13.28 -12.36 -4.57
C MET A 246 -14.76 -12.68 -4.90
N GLU A 247 -15.03 -13.90 -5.35
CA GLU A 247 -16.39 -14.35 -5.73
C GLU A 247 -17.29 -14.32 -4.48
N ARG A 248 -16.77 -14.77 -3.34
CA ARG A 248 -17.53 -14.77 -2.07
C ARG A 248 -17.91 -13.33 -1.68
N ILE A 249 -16.98 -12.41 -1.82
CA ILE A 249 -17.13 -11.03 -1.30
C ILE A 249 -17.86 -10.12 -2.32
N LEU A 250 -17.61 -10.31 -3.62
CA LEU A 250 -18.03 -9.34 -4.69
C LEU A 250 -18.90 -9.99 -5.79
N GLY A 251 -19.21 -11.28 -5.72
CA GLY A 251 -19.98 -11.97 -6.77
C GLY A 251 -19.09 -12.48 -7.91
N PRO A 252 -19.69 -13.18 -8.90
CA PRO A 252 -18.94 -13.73 -10.03
C PRO A 252 -18.14 -12.69 -10.84
N LEU A 253 -17.01 -13.13 -11.40
CA LEU A 253 -16.14 -12.32 -12.29
C LEU A 253 -16.90 -12.05 -13.58
N PRO A 254 -16.69 -10.92 -14.27
CA PRO A 254 -17.34 -10.70 -15.56
C PRO A 254 -16.83 -11.74 -16.55
N LYS A 255 -17.72 -12.20 -17.41
CA LYS A 255 -17.47 -13.20 -18.46
C LYS A 255 -16.36 -12.73 -19.38
N HIS A 256 -16.31 -11.44 -19.70
CA HIS A 256 -15.28 -10.94 -20.62
C HIS A 256 -13.88 -11.17 -19.98
N MET A 257 -13.71 -11.06 -18.67
CA MET A 257 -12.36 -11.26 -18.09
C MET A 257 -12.02 -12.75 -18.07
N ILE A 258 -13.00 -13.59 -17.74
CA ILE A 258 -12.88 -15.09 -17.84
C ILE A 258 -12.49 -15.49 -19.26
N GLN A 259 -13.17 -14.99 -20.30
CA GLN A 259 -12.96 -15.38 -21.71
C GLN A 259 -11.57 -14.97 -22.19
N LYS A 260 -11.11 -13.80 -21.79
CA LYS A 260 -9.82 -13.24 -22.25
C LYS A 260 -8.63 -13.97 -21.57
N THR A 261 -8.76 -14.45 -20.31
CA THR A 261 -7.59 -14.94 -19.52
C THR A 261 -6.99 -16.18 -20.20
N ARG A 262 -5.65 -16.29 -20.18
CA ARG A 262 -4.95 -17.55 -20.56
C ARG A 262 -5.10 -18.60 -19.45
N LYS A 263 -5.50 -18.16 -18.26
CA LYS A 263 -5.63 -19.02 -17.07
C LYS A 263 -6.99 -19.75 -17.10
N ARG A 264 -7.33 -20.32 -18.26
CA ARG A 264 -8.64 -20.97 -18.55
C ARG A 264 -8.89 -22.14 -17.61
N LYS A 265 -7.87 -22.92 -17.27
CA LYS A 265 -8.00 -24.07 -16.35
C LYS A 265 -8.71 -23.65 -15.05
N TYR A 266 -8.59 -22.40 -14.61
CA TYR A 266 -9.22 -21.93 -13.34
C TYR A 266 -10.75 -21.96 -13.40
N PHE A 267 -11.32 -21.98 -14.62
CA PHE A 267 -12.76 -21.82 -14.91
C PHE A 267 -13.29 -23.08 -15.56
N HIS A 268 -14.51 -23.54 -15.17
CA HIS A 268 -15.35 -24.59 -15.83
C HIS A 268 -16.60 -23.87 -16.39
N HIS A 269 -17.08 -24.22 -17.59
CA HIS A 269 -17.95 -23.31 -18.39
C HIS A 269 -17.37 -21.91 -18.17
N ASP A 270 -18.17 -20.87 -17.96
CA ASP A 270 -17.62 -19.54 -17.64
C ASP A 270 -17.94 -19.22 -16.18
N ARG A 271 -17.46 -20.05 -15.23
CA ARG A 271 -17.48 -19.76 -13.76
C ARG A 271 -16.29 -20.48 -13.08
N LEU A 272 -15.81 -19.97 -11.95
CA LEU A 272 -14.63 -20.51 -11.22
C LEU A 272 -14.83 -21.98 -10.84
N ASP A 273 -13.87 -22.82 -11.22
CA ASP A 273 -13.90 -24.27 -10.93
C ASP A 273 -13.45 -24.44 -9.48
N TRP A 274 -14.35 -24.34 -8.52
CA TRP A 274 -13.97 -24.27 -7.09
C TRP A 274 -14.90 -25.16 -6.26
N ASP A 275 -14.34 -26.12 -5.53
CA ASP A 275 -15.18 -26.90 -4.60
C ASP A 275 -15.39 -26.05 -3.33
N GLU A 276 -16.59 -25.45 -3.21
CA GLU A 276 -17.12 -24.84 -1.95
C GLU A 276 -17.03 -25.82 -0.73
N HIS A 277 -17.15 -27.12 -0.91
CA HIS A 277 -17.29 -28.10 0.23
C HIS A 277 -15.96 -28.77 0.59
N SER A 278 -14.85 -28.40 -0.07
CA SER A 278 -13.50 -28.88 0.31
C SER A 278 -13.04 -28.14 1.60
N SER A 279 -11.84 -28.65 2.23
CA SER A 279 -11.33 -27.86 3.42
C SER A 279 -11.05 -26.40 3.00
N ALA A 280 -10.46 -26.14 1.80
CA ALA A 280 -10.13 -24.76 1.36
C ALA A 280 -11.44 -23.97 1.09
N GLY A 281 -12.49 -24.68 0.62
CA GLY A 281 -13.78 -24.06 0.26
C GLY A 281 -14.51 -23.59 1.51
N ARG A 282 -14.44 -24.38 2.59
CA ARG A 282 -15.05 -24.05 3.91
C ARG A 282 -14.30 -22.85 4.55
N TYR A 283 -12.97 -22.91 4.53
CA TYR A 283 -12.08 -21.75 4.90
C TYR A 283 -12.55 -20.47 4.20
N VAL A 284 -12.73 -20.51 2.88
CA VAL A 284 -13.18 -19.30 2.11
C VAL A 284 -14.57 -18.86 2.59
N SER A 285 -15.50 -19.79 2.76
CA SER A 285 -16.87 -19.48 3.24
C SER A 285 -16.83 -18.92 4.68
N ARG A 286 -15.92 -19.39 5.52
CA ARG A 286 -15.77 -18.85 6.90
C ARG A 286 -15.19 -17.43 6.88
N ALA A 287 -14.02 -17.21 6.26
CA ALA A 287 -13.26 -15.94 6.39
C ALA A 287 -13.83 -14.85 5.46
N CYS A 288 -14.56 -15.25 4.42
CA CYS A 288 -15.05 -14.35 3.36
C CYS A 288 -16.57 -14.41 3.32
N LYS A 289 -17.18 -13.24 3.06
CA LYS A 289 -18.64 -13.07 2.89
C LYS A 289 -18.89 -11.80 2.08
N PRO A 290 -20.15 -11.56 1.64
CA PRO A 290 -20.46 -10.39 0.81
C PRO A 290 -20.03 -9.10 1.52
N LEU A 291 -19.52 -8.16 0.71
CA LEU A 291 -18.77 -6.99 1.19
C LEU A 291 -19.54 -6.28 2.32
N LYS A 292 -20.82 -5.99 2.09
CA LYS A 292 -21.65 -5.16 3.00
C LYS A 292 -21.79 -5.83 4.37
N GLU A 293 -21.73 -7.15 4.44
CA GLU A 293 -21.88 -7.87 5.71
C GLU A 293 -20.69 -7.58 6.62
N PHE A 294 -19.63 -6.96 6.10
CA PHE A 294 -18.45 -6.60 6.89
C PHE A 294 -18.66 -5.28 7.64
N MET A 295 -19.71 -4.54 7.32
CA MET A 295 -20.03 -3.25 8.01
C MET A 295 -20.30 -3.50 9.51
N LEU A 296 -19.79 -2.61 10.36
CA LEU A 296 -19.88 -2.79 11.82
C LEU A 296 -20.96 -1.89 12.38
N SER A 297 -21.47 -0.96 11.56
CA SER A 297 -22.58 -0.03 11.84
C SER A 297 -23.32 0.23 10.53
N GLN A 298 -24.65 0.40 10.59
CA GLN A 298 -25.49 0.79 9.42
C GLN A 298 -25.47 2.36 9.26
N ASP A 299 -24.82 3.05 10.23
CA ASP A 299 -24.66 4.55 10.22
C ASP A 299 -24.26 4.94 8.80
N VAL A 300 -24.90 5.98 8.24
CA VAL A 300 -24.69 6.36 6.81
C VAL A 300 -23.20 6.64 6.52
N GLU A 301 -22.39 7.12 7.46
CA GLU A 301 -20.95 7.35 7.15
C GLU A 301 -20.26 6.01 6.83
N HIS A 302 -20.63 4.95 7.54
CA HIS A 302 -20.08 3.59 7.29
C HIS A 302 -20.60 3.12 5.93
N GLU A 303 -21.85 3.41 5.59
CA GLU A 303 -22.39 3.03 4.26
C GLU A 303 -21.64 3.75 3.12
N ARG A 304 -21.33 5.04 3.29
CA ARG A 304 -20.61 5.82 2.27
C ARG A 304 -19.22 5.22 2.09
N LEU A 305 -18.50 4.92 3.18
CA LEU A 305 -17.16 4.28 3.08
C LEU A 305 -17.31 2.99 2.27
N PHE A 306 -18.30 2.16 2.58
CA PHE A 306 -18.44 0.85 1.91
C PHE A 306 -18.83 1.02 0.44
N ASP A 307 -19.52 2.09 0.10
CA ASP A 307 -19.89 2.35 -1.32
C ASP A 307 -18.60 2.64 -2.10
N LEU A 308 -17.74 3.50 -1.55
CA LEU A 308 -16.43 3.84 -2.13
C LEU A 308 -15.57 2.57 -2.30
N ILE A 309 -15.47 1.74 -1.27
CA ILE A 309 -14.65 0.49 -1.29
C ILE A 309 -15.20 -0.40 -2.42
N GLN A 310 -16.50 -0.61 -2.43
CA GLN A 310 -17.18 -1.38 -3.51
C GLN A 310 -16.79 -0.81 -4.88
N LYS A 311 -16.75 0.51 -5.07
CA LYS A 311 -16.38 1.02 -6.41
C LYS A 311 -14.90 0.78 -6.70
N MET A 312 -14.07 0.82 -5.67
CA MET A 312 -12.61 0.53 -5.79
C MET A 312 -12.37 -0.96 -6.10
N LEU A 313 -13.29 -1.83 -5.68
CA LEU A 313 -13.18 -3.29 -5.91
C LEU A 313 -14.06 -3.73 -7.07
N GLU A 314 -14.33 -2.85 -8.02
CA GLU A 314 -15.03 -3.20 -9.28
C GLU A 314 -14.08 -4.11 -10.05
N TYR A 315 -14.58 -5.22 -10.56
CA TYR A 315 -13.73 -6.22 -11.24
C TYR A 315 -13.11 -5.65 -12.51
N ASP A 316 -13.93 -5.05 -13.36
CA ASP A 316 -13.52 -4.50 -14.66
C ASP A 316 -12.65 -3.28 -14.38
N PRO A 317 -11.32 -3.32 -14.64
CA PRO A 317 -10.45 -2.15 -14.33
C PRO A 317 -10.84 -0.92 -15.19
N ALA A 318 -11.62 -1.06 -16.26
CA ALA A 318 -12.03 0.17 -17.03
C ALA A 318 -13.16 0.88 -16.27
N LYS A 319 -14.15 0.15 -15.78
CA LYS A 319 -15.29 0.73 -15.04
C LYS A 319 -14.83 1.18 -13.66
N ARG A 320 -13.83 0.50 -13.08
CA ARG A 320 -13.35 0.81 -11.72
C ARG A 320 -13.22 2.33 -11.57
N ILE A 321 -13.66 2.86 -10.41
CA ILE A 321 -13.55 4.30 -10.06
C ILE A 321 -12.07 4.74 -10.15
N THR A 322 -11.83 5.95 -10.65
CA THR A 322 -10.48 6.56 -10.67
C THR A 322 -10.28 7.28 -9.34
N LEU A 323 -9.04 7.52 -8.99
CA LEU A 323 -8.74 8.28 -7.75
C LEU A 323 -9.24 9.71 -7.88
N ARG A 324 -9.23 10.24 -9.07
CA ARG A 324 -9.75 11.60 -9.32
C ARG A 324 -11.23 11.60 -8.96
N GLU A 325 -11.96 10.55 -9.33
CA GLU A 325 -13.41 10.43 -9.00
C GLU A 325 -13.57 10.13 -7.51
N ALA A 326 -12.66 9.32 -6.95
CA ALA A 326 -12.79 8.89 -5.54
C ALA A 326 -12.77 10.11 -4.61
N LEU A 327 -11.97 11.12 -4.94
CA LEU A 327 -11.76 12.36 -4.13
C LEU A 327 -13.06 13.14 -4.04
N LYS A 328 -13.95 12.94 -4.99
CA LYS A 328 -15.26 13.64 -5.08
C LYS A 328 -16.32 12.81 -4.39
N HIS A 329 -16.02 11.60 -3.93
CA HIS A 329 -17.01 10.70 -3.27
C HIS A 329 -17.58 11.35 -2.00
N PRO A 330 -18.89 11.19 -1.73
CA PRO A 330 -19.53 11.72 -0.51
C PRO A 330 -18.90 11.35 0.84
N PHE A 331 -18.26 10.19 0.92
CA PHE A 331 -17.49 9.75 2.11
C PHE A 331 -16.54 10.85 2.60
N PHE A 332 -16.09 11.69 1.67
CA PHE A 332 -15.09 12.75 1.97
C PHE A 332 -15.74 14.12 2.30
N ASP A 333 -17.06 14.24 2.34
CA ASP A 333 -17.71 15.56 2.56
C ASP A 333 -17.40 16.09 3.99
N LEU A 334 -17.28 15.25 5.00
CA LEU A 334 -16.97 15.73 6.39
C LEU A 334 -15.56 16.33 6.50
N LEU A 335 -14.72 16.24 5.47
CA LEU A 335 -13.39 16.91 5.40
C LEU A 335 -13.54 18.29 4.77
N LYS A 336 -14.64 18.54 4.07
CA LYS A 336 -14.85 19.72 3.19
C LYS A 336 -15.93 20.60 3.85
N LYS A 337 -16.27 20.27 5.09
CA LYS A 337 -17.31 20.91 5.92
C LYS A 337 -16.60 22.04 6.70
N SER A 338 -15.78 22.83 5.99
CA SER A 338 -14.81 23.81 6.55
C SER A 338 -14.25 24.70 5.44
#